data_6SSW
#
_entry.id   6SSW
#
_cell.length_a   110.420
_cell.length_b   148.870
_cell.length_c   70.330
_cell.angle_alpha   90.000
_cell.angle_beta   90.000
_cell.angle_gamma   90.000
#
_symmetry.space_group_name_H-M   'C 2 2 21'
#
loop_
_entity.id
_entity.type
_entity.pdbx_description
1 polymer 'Microsomal glutathione S-transferase 2'
2 non-polymer 'GLUTATHIONE SULFONIC ACID'
#
_entity_poly.entity_id   1
_entity_poly.type   'polypeptide(L)'
_entity_poly.pdbx_seq_one_letter_code
;MHHHHHHAGNSILLAAVSILSACQQSYFALQVGKARLKYKVTPPAVTGSPEFERVFRAQQNCVEFYPIFIITLWMAGWYF
NQVFATCLGLVYIYGRHLYFWGYSEAAKKRITGFRLSLGILALLTLLGALGIANSFLDEYLDLNIAKKLRRQF
;
_entity_poly.pdbx_strand_id   A,B,C
#
loop_
_chem_comp.id
_chem_comp.type
_chem_comp.name
_chem_comp.formula
GTS non-polymer 'GLUTATHIONE SULFONIC ACID' 'C10 H17 N3 O9 S'
#
# COMPACT_ATOMS: atom_id res chain seq x y z
N ASN A 10 -19.92 10.29 9.04
CA ASN A 10 -19.03 10.54 10.22
C ASN A 10 -17.56 10.34 9.84
N SER A 11 -17.23 10.01 8.58
CA SER A 11 -15.82 9.94 8.12
C SER A 11 -15.52 10.90 6.97
N ILE A 12 -16.34 11.93 6.80
CA ILE A 12 -16.30 12.82 5.61
C ILE A 12 -14.95 13.55 5.53
N LEU A 13 -14.48 14.08 6.65
CA LEU A 13 -13.17 14.78 6.69
C LEU A 13 -12.02 13.81 6.35
N LEU A 14 -12.06 12.60 6.91
CA LEU A 14 -10.99 11.59 6.65
C LEU A 14 -10.96 11.30 5.16
N ALA A 15 -12.13 11.08 4.57
CA ALA A 15 -12.25 10.77 3.13
C ALA A 15 -11.68 11.92 2.29
N ALA A 16 -11.93 13.16 2.71
CA ALA A 16 -11.44 14.36 1.99
C ALA A 16 -9.90 14.33 1.97
N VAL A 17 -9.28 14.23 3.14
CA VAL A 17 -7.81 14.15 3.27
C VAL A 17 -7.25 13.02 2.38
N SER A 18 -7.87 11.84 2.45
CA SER A 18 -7.44 10.63 1.71
C SER A 18 -7.41 10.89 0.19
N ILE A 19 -8.43 11.53 -0.37
CA ILE A 19 -8.40 11.82 -1.83
C ILE A 19 -7.32 12.86 -2.10
N LEU A 20 -7.16 13.87 -1.26
CA LEU A 20 -6.04 14.82 -1.52
C LEU A 20 -4.72 14.05 -1.53
N SER A 21 -4.45 13.37 -0.42
CA SER A 21 -3.19 12.58 -0.25
C SER A 21 -2.92 11.74 -1.51
N ALA A 22 -3.95 11.09 -2.04
CA ALA A 22 -3.85 10.23 -3.24
C ALA A 22 -3.58 11.07 -4.49
N CYS A 23 -4.02 12.32 -4.54
CA CYS A 23 -3.65 13.27 -5.62
C CYS A 23 -2.18 13.66 -5.54
N GLN A 24 -1.71 13.99 -4.34
CA GLN A 24 -0.28 14.30 -4.14
C GLN A 24 0.53 13.12 -4.66
N GLN A 25 0.15 11.90 -4.29
CA GLN A 25 0.84 10.68 -4.78
C GLN A 25 0.85 10.67 -6.31
N SER A 26 -0.31 10.82 -6.93
CA SER A 26 -0.42 10.82 -8.40
C SER A 26 0.49 11.91 -8.97
N TYR A 27 0.35 13.13 -8.48
CA TYR A 27 1.14 14.29 -8.96
C TYR A 27 2.65 14.00 -8.84
N PHE A 28 3.09 13.40 -7.73
CA PHE A 28 4.50 12.95 -7.56
C PHE A 28 4.87 11.97 -8.68
N ALA A 29 4.03 10.99 -8.95
CA ALA A 29 4.27 9.97 -10.00
C ALA A 29 4.36 10.65 -11.38
N LEU A 30 3.55 11.68 -11.64
CA LEU A 30 3.64 12.44 -12.91
C LEU A 30 5.03 13.04 -13.01
N GLN A 31 5.48 13.73 -11.96
CA GLN A 31 6.81 14.40 -11.95
C GLN A 31 7.91 13.41 -12.33
N VAL A 32 7.80 12.17 -11.87
CA VAL A 32 8.82 11.12 -12.17
C VAL A 32 8.73 10.83 -13.67
N GLY A 33 7.54 10.58 -14.18
CA GLY A 33 7.33 10.38 -15.62
C GLY A 33 7.85 11.56 -16.45
N LYS A 34 7.76 12.78 -15.93
CA LYS A 34 8.30 13.98 -16.59
C LYS A 34 9.82 13.89 -16.62
N ALA A 35 10.43 13.43 -15.53
CA ALA A 35 11.91 13.33 -15.44
C ALA A 35 12.44 12.26 -16.40
N ARG A 36 11.70 11.18 -16.64
CA ARG A 36 12.12 10.13 -17.61
C ARG A 36 12.26 10.74 -19.01
N LEU A 37 11.53 11.82 -19.28
CA LEU A 37 11.61 12.54 -20.57
C LEU A 37 12.77 13.52 -20.55
N LYS A 38 12.82 14.39 -19.53
CA LYS A 38 13.88 15.43 -19.46
C LYS A 38 15.26 14.75 -19.49
N TYR A 39 15.48 13.76 -18.60
CA TYR A 39 16.79 13.09 -18.37
C TYR A 39 16.92 11.75 -19.13
N LYS A 40 16.00 11.46 -20.04
CA LYS A 40 16.08 10.36 -21.03
C LYS A 40 16.38 9.02 -20.37
N VAL A 41 15.63 8.70 -19.33
CA VAL A 41 15.66 7.37 -18.64
C VAL A 41 14.45 6.59 -19.14
N THR A 42 14.62 5.77 -20.15
CA THR A 42 13.50 5.01 -20.76
C THR A 42 13.34 3.68 -20.02
N PRO A 43 12.10 3.32 -19.68
CA PRO A 43 11.78 2.08 -18.98
C PRO A 43 12.30 0.82 -19.66
N PRO A 44 12.67 -0.25 -18.90
CA PRO A 44 12.51 -0.30 -17.44
C PRO A 44 13.66 0.19 -16.51
N ALA A 45 14.38 1.22 -16.96
CA ALA A 45 15.49 1.83 -16.21
C ALA A 45 14.97 2.60 -14.99
N VAL A 46 15.71 2.56 -13.90
CA VAL A 46 15.42 3.37 -12.68
C VAL A 46 16.64 4.22 -12.29
N THR A 47 17.71 4.20 -13.09
CA THR A 47 18.95 4.98 -12.84
C THR A 47 19.48 5.55 -14.16
N GLY A 48 20.47 6.44 -14.09
CA GLY A 48 21.08 7.08 -15.26
C GLY A 48 21.10 8.59 -15.20
N SER A 49 20.63 9.20 -14.13
CA SER A 49 20.88 10.64 -13.90
C SER A 49 20.80 10.88 -12.41
N PRO A 50 21.76 11.60 -11.82
CA PRO A 50 21.58 12.14 -10.48
C PRO A 50 20.22 12.81 -10.26
N GLU A 51 19.80 13.68 -11.20
CA GLU A 51 18.54 14.48 -11.09
C GLU A 51 17.37 13.51 -11.06
N PHE A 52 17.40 12.51 -11.92
CA PHE A 52 16.30 11.52 -12.01
C PHE A 52 16.30 10.59 -10.80
N GLU A 53 17.47 10.16 -10.34
CA GLU A 53 17.53 9.18 -9.24
C GLU A 53 16.92 9.81 -8.00
N ARG A 54 17.15 11.11 -7.79
CA ARG A 54 16.60 11.83 -6.62
C ARG A 54 15.07 11.89 -6.73
N VAL A 55 14.52 12.31 -7.87
CA VAL A 55 13.04 12.46 -8.04
C VAL A 55 12.37 11.08 -7.95
N PHE A 56 13.02 10.04 -8.43
CA PHE A 56 12.48 8.66 -8.42
C PHE A 56 12.43 8.20 -6.98
N ARG A 57 13.58 8.13 -6.30
CA ARG A 57 13.63 7.66 -4.88
C ARG A 57 12.70 8.48 -4.00
N ALA A 58 12.59 9.77 -4.28
CA ALA A 58 11.69 10.68 -3.53
C ALA A 58 10.31 10.05 -3.40
N GLN A 59 9.60 9.89 -4.51
CA GLN A 59 8.24 9.31 -4.52
C GLN A 59 8.28 7.88 -4.02
N GLN A 60 9.35 7.18 -4.33
CA GLN A 60 9.39 5.78 -3.91
C GLN A 60 9.20 5.81 -2.40
N ASN A 61 9.85 6.75 -1.75
CA ASN A 61 9.76 6.89 -0.28
C ASN A 61 8.32 7.19 0.14
N CYS A 62 7.63 8.05 -0.60
CA CYS A 62 6.24 8.41 -0.29
C CYS A 62 5.32 7.20 -0.51
N VAL A 63 5.59 6.39 -1.54
CA VAL A 63 4.83 5.15 -1.84
C VAL A 63 4.94 4.17 -0.67
N GLU A 64 6.15 4.01 -0.13
CA GLU A 64 6.40 2.97 0.89
C GLU A 64 5.85 3.42 2.25
N PHE A 65 5.63 4.71 2.43
CA PHE A 65 5.04 5.22 3.68
C PHE A 65 3.55 5.46 3.54
N TYR A 66 3.03 5.52 2.32
CA TYR A 66 1.63 5.94 2.08
C TYR A 66 0.65 4.99 2.77
N PRO A 67 0.74 3.65 2.61
CA PRO A 67 -0.18 2.77 3.31
C PRO A 67 -0.09 2.97 4.83
N ILE A 68 1.12 3.11 5.38
CA ILE A 68 1.32 3.33 6.85
C ILE A 68 0.46 4.53 7.26
N PHE A 69 0.57 5.61 6.52
CA PHE A 69 -0.11 6.90 6.79
C PHE A 69 -1.62 6.73 6.71
N ILE A 70 -2.11 6.06 5.67
CA ILE A 70 -3.58 5.87 5.49
C ILE A 70 -4.12 5.09 6.68
N ILE A 71 -3.49 3.98 7.07
CA ILE A 71 -3.96 3.18 8.23
C ILE A 71 -4.01 4.10 9.45
N THR A 72 -2.90 4.73 9.78
CA THR A 72 -2.76 5.52 11.03
C THR A 72 -3.73 6.70 11.01
N LEU A 73 -3.94 7.28 9.84
CA LEU A 73 -4.90 8.41 9.67
C LEU A 73 -6.31 7.94 10.05
N TRP A 74 -6.78 6.85 9.47
CA TRP A 74 -8.16 6.34 9.71
C TRP A 74 -8.29 5.79 11.14
N MET A 75 -7.26 5.13 11.67
CA MET A 75 -7.37 4.56 13.03
C MET A 75 -7.43 5.69 14.06
N ALA A 76 -6.58 6.72 13.93
CA ALA A 76 -6.67 7.92 14.78
C ALA A 76 -8.01 8.61 14.52
N GLY A 77 -8.38 8.71 13.25
CA GLY A 77 -9.60 9.38 12.80
C GLY A 77 -10.82 8.79 13.43
N TRP A 78 -11.01 7.47 13.29
CA TRP A 78 -12.16 6.74 13.86
C TRP A 78 -12.04 6.77 15.39
N TYR A 79 -10.98 6.16 15.92
CA TYR A 79 -10.97 5.74 17.34
C TYR A 79 -10.63 6.91 18.29
N PHE A 80 -10.22 8.08 17.84
CA PHE A 80 -9.79 9.15 18.80
C PHE A 80 -10.50 10.47 18.54
N ASN A 81 -10.30 11.05 17.36
CA ASN A 81 -10.94 12.32 16.97
C ASN A 81 -10.74 12.54 15.47
N GLN A 82 -11.84 12.72 14.75
CA GLN A 82 -11.77 12.90 13.28
C GLN A 82 -11.05 14.21 12.96
N VAL A 83 -11.36 15.27 13.70
CA VAL A 83 -10.94 16.65 13.30
C VAL A 83 -9.43 16.81 13.51
N PHE A 84 -8.91 16.31 14.61
CA PHE A 84 -7.48 16.42 14.95
C PHE A 84 -6.67 15.63 13.92
N ALA A 85 -7.11 14.40 13.66
CA ALA A 85 -6.48 13.48 12.68
C ALA A 85 -6.46 14.11 11.29
N THR A 86 -7.56 14.75 10.91
CA THR A 86 -7.68 15.49 9.63
C THR A 86 -6.58 16.54 9.56
N CYS A 87 -6.44 17.36 10.59
CA CYS A 87 -5.45 18.46 10.61
C CYS A 87 -4.04 17.90 10.54
N LEU A 88 -3.70 16.97 11.43
CA LEU A 88 -2.40 16.26 11.36
C LEU A 88 -2.20 15.66 9.96
N GLY A 89 -3.26 15.09 9.39
CA GLY A 89 -3.30 14.61 7.99
C GLY A 89 -2.78 15.67 7.04
N LEU A 90 -3.31 16.89 7.11
CA LEU A 90 -2.89 18.02 6.22
C LEU A 90 -1.42 18.34 6.45
N VAL A 91 -1.01 18.38 7.70
CA VAL A 91 0.40 18.63 8.07
C VAL A 91 1.27 17.60 7.34
N TYR A 92 0.89 16.32 7.40
CA TYR A 92 1.65 15.23 6.73
C TYR A 92 1.73 15.53 5.23
N ILE A 93 0.60 15.86 4.62
CA ILE A 93 0.55 16.19 3.17
C ILE A 93 1.64 17.23 2.88
N TYR A 94 1.65 18.31 3.66
CA TYR A 94 2.63 19.42 3.55
C TYR A 94 4.05 18.89 3.77
N GLY A 95 4.28 18.11 4.83
CA GLY A 95 5.58 17.48 5.11
C GLY A 95 6.13 16.75 3.89
N ARG A 96 5.28 15.98 3.22
CA ARG A 96 5.69 15.21 2.02
C ARG A 96 5.91 16.11 0.81
N HIS A 97 5.26 17.28 0.72
CA HIS A 97 5.54 18.27 -0.35
C HIS A 97 6.94 18.80 -0.16
N LEU A 98 7.32 19.05 1.08
CA LEU A 98 8.68 19.54 1.43
C LEU A 98 9.68 18.44 1.16
N TYR A 99 9.35 17.20 1.52
CA TYR A 99 10.25 16.06 1.31
C TYR A 99 10.58 15.94 -0.16
N PHE A 100 9.55 15.75 -0.96
CA PHE A 100 9.68 15.43 -2.40
C PHE A 100 10.48 16.53 -3.10
N TRP A 101 10.02 17.76 -3.01
CA TRP A 101 10.63 18.90 -3.75
C TRP A 101 12.01 19.21 -3.20
N GLY A 102 12.22 18.99 -1.91
CA GLY A 102 13.55 19.18 -1.31
C GLY A 102 14.51 18.16 -1.85
N TYR A 103 14.14 16.91 -1.75
CA TYR A 103 14.93 15.76 -2.25
C TYR A 103 15.24 15.97 -3.73
N SER A 104 14.23 16.31 -4.52
CA SER A 104 14.37 16.55 -5.99
C SER A 104 15.55 17.49 -6.25
N GLU A 105 15.68 18.54 -5.47
CA GLU A 105 16.76 19.55 -5.65
C GLU A 105 18.11 18.93 -5.25
N ALA A 106 18.25 18.55 -3.98
CA ALA A 106 19.47 17.95 -3.41
C ALA A 106 19.04 16.86 -2.42
N ALA A 107 19.77 15.76 -2.37
CA ALA A 107 19.50 14.68 -1.38
C ALA A 107 19.46 15.30 0.02
N LYS A 108 20.47 16.09 0.38
CA LYS A 108 20.62 16.68 1.73
C LYS A 108 19.39 17.54 2.10
N LYS A 109 18.73 18.17 1.14
CA LYS A 109 17.61 19.12 1.43
C LYS A 109 16.29 18.37 1.65
N ARG A 110 16.27 17.04 1.90
CA ARG A 110 15.00 16.30 2.15
C ARG A 110 14.63 16.25 3.65
N ILE A 111 15.60 16.37 4.56
CA ILE A 111 15.45 15.94 5.98
C ILE A 111 14.34 16.71 6.69
N THR A 112 14.21 18.03 6.47
CA THR A 112 13.12 18.83 7.08
C THR A 112 11.78 18.18 6.72
N GLY A 113 11.56 17.93 5.43
CA GLY A 113 10.36 17.23 4.93
C GLY A 113 10.16 15.89 5.63
N PHE A 114 11.22 15.12 5.79
CA PHE A 114 11.18 13.71 6.26
C PHE A 114 10.87 13.67 7.76
N ARG A 115 11.51 14.53 8.51
CA ARG A 115 11.35 14.63 9.98
C ARG A 115 9.93 15.03 10.41
N LEU A 116 9.19 15.81 9.67
CA LEU A 116 7.90 16.35 10.11
C LEU A 116 6.82 15.35 9.69
N SER A 117 7.07 14.71 8.56
CA SER A 117 6.22 13.63 8.04
C SER A 117 6.27 12.48 9.04
N LEU A 118 7.48 12.07 9.39
CA LEU A 118 7.69 10.99 10.36
C LEU A 118 7.13 11.42 11.73
N GLY A 119 7.28 12.70 12.09
CA GLY A 119 6.71 13.18 13.36
C GLY A 119 5.22 12.92 13.40
N ILE A 120 4.53 13.54 12.45
CA ILE A 120 3.04 13.48 12.34
C ILE A 120 2.59 12.02 12.31
N LEU A 121 3.28 11.19 11.55
CA LEU A 121 2.95 9.73 11.47
C LEU A 121 2.99 9.12 12.86
N ALA A 122 4.14 9.27 13.50
CA ALA A 122 4.40 8.65 14.82
C ALA A 122 3.35 9.18 15.80
N LEU A 123 2.98 10.45 15.67
CA LEU A 123 1.88 11.04 16.48
C LEU A 123 0.52 10.38 16.19
N LEU A 124 0.06 10.36 14.92
CA LEU A 124 -1.19 9.66 14.50
C LEU A 124 -1.20 8.23 15.05
N THR A 125 -0.08 7.53 14.94
CA THR A 125 0.04 6.15 15.46
C THR A 125 -0.38 6.12 16.94
N LEU A 126 0.18 7.05 17.70
CA LEU A 126 0.00 7.13 19.17
C LEU A 126 -1.46 7.47 19.48
N LEU A 127 -2.00 8.50 18.84
CA LEU A 127 -3.42 8.91 19.01
C LEU A 127 -4.36 7.77 18.61
N GLY A 128 -4.02 7.05 17.54
CA GLY A 128 -4.75 5.84 17.13
C GLY A 128 -4.73 4.79 18.22
N ALA A 129 -3.55 4.44 18.72
CA ALA A 129 -3.33 3.42 19.77
C ALA A 129 -4.10 3.80 21.05
N LEU A 130 -4.07 5.08 21.44
CA LEU A 130 -4.82 5.56 22.63
C LEU A 130 -6.30 5.32 22.37
N GLY A 131 -6.82 5.91 21.30
CA GLY A 131 -8.23 5.78 20.87
C GLY A 131 -8.70 4.33 20.82
N ILE A 132 -7.88 3.38 20.35
CA ILE A 132 -8.25 1.94 20.26
C ILE A 132 -8.32 1.36 21.67
N ALA A 133 -7.28 1.61 22.46
CA ALA A 133 -7.21 1.22 23.88
C ALA A 133 -8.44 1.81 24.58
N ASN A 134 -8.67 3.11 24.41
CA ASN A 134 -9.80 3.88 25.00
C ASN A 134 -11.13 3.17 24.76
N SER A 135 -11.37 2.73 23.51
CA SER A 135 -12.60 2.02 23.07
C SER A 135 -12.58 0.55 23.52
N PHE A 136 -11.41 -0.04 23.72
CA PHE A 136 -11.29 -1.42 24.24
C PHE A 136 -11.83 -1.51 25.68
N LEU A 137 -11.68 -0.44 26.46
CA LEU A 137 -12.23 -0.35 27.85
C LEU A 137 -13.75 -0.14 27.76
N ASP A 138 -14.20 0.68 26.82
CA ASP A 138 -15.62 1.02 26.56
C ASP A 138 -16.43 -0.19 26.03
N GLU A 139 -15.76 -1.27 25.61
CA GLU A 139 -16.37 -2.60 25.33
C GLU A 139 -15.93 -3.63 26.42
N TYR A 140 -15.61 -3.14 27.63
CA TYR A 140 -15.26 -3.94 28.85
C TYR A 140 -15.80 -3.22 30.11
N LEU A 141 -15.63 -1.91 30.28
CA LEU A 141 -16.44 -1.10 31.24
C LEU A 141 -16.24 0.42 31.05
N ASP A 142 -15.10 0.96 31.48
CA ASP A 142 -14.71 2.42 31.53
C ASP A 142 -14.74 3.13 30.15
N LEU A 143 -15.32 4.34 30.07
CA LEU A 143 -15.16 5.32 28.93
C LEU A 143 -14.67 6.64 29.51
N ASN A 144 -13.35 6.79 29.52
CA ASN A 144 -12.55 7.90 30.12
C ASN A 144 -12.96 9.30 29.57
N ILE A 145 -13.51 10.19 30.46
CA ILE A 145 -13.92 11.59 30.12
C ILE A 145 -13.60 12.58 31.28
N GLY B 9 -15.91 0.34 16.58
CA GLY B 9 -16.79 -0.56 17.41
C GLY B 9 -16.60 -2.02 17.02
N ASN B 10 -17.11 -2.42 15.86
CA ASN B 10 -17.02 -3.80 15.34
C ASN B 10 -15.61 -4.14 14.87
N SER B 11 -14.68 -3.20 14.80
CA SER B 11 -13.40 -3.41 14.08
C SER B 11 -12.18 -3.19 14.98
N ILE B 12 -12.35 -3.21 16.30
CA ILE B 12 -11.29 -2.79 17.27
C ILE B 12 -10.08 -3.73 17.15
N LEU B 13 -10.30 -5.03 17.08
CA LEU B 13 -9.18 -5.99 16.92
C LEU B 13 -8.42 -5.77 15.60
N LEU B 14 -9.14 -5.55 14.51
CA LEU B 14 -8.50 -5.32 13.18
C LEU B 14 -7.64 -4.07 13.30
N ALA B 15 -8.18 -3.01 13.88
CA ALA B 15 -7.48 -1.72 14.06
C ALA B 15 -6.21 -1.93 14.90
N ALA B 16 -6.27 -2.77 15.92
CA ALA B 16 -5.12 -3.07 16.79
C ALA B 16 -4.00 -3.70 15.95
N VAL B 17 -4.31 -4.79 15.26
CA VAL B 17 -3.34 -5.49 14.38
C VAL B 17 -2.74 -4.50 13.36
N SER B 18 -3.58 -3.69 12.75
CA SER B 18 -3.19 -2.70 11.70
C SER B 18 -2.17 -1.72 12.23
N ILE B 19 -2.37 -1.17 13.42
CA ILE B 19 -1.40 -0.22 14.02
C ILE B 19 -0.09 -0.98 14.27
N LEU B 20 -0.16 -2.19 14.81
CA LEU B 20 1.06 -2.97 15.08
C LEU B 20 1.82 -3.21 13.76
N SER B 21 1.11 -3.76 12.77
CA SER B 21 1.68 -4.04 11.43
C SER B 21 2.38 -2.80 10.87
N ALA B 22 1.76 -1.63 11.01
CA ALA B 22 2.30 -0.34 10.51
C ALA B 22 3.53 0.09 11.33
N CYS B 23 3.62 -0.31 12.60
CA CYS B 23 4.86 -0.14 13.40
C CYS B 23 5.98 -1.05 12.89
N GLN B 24 5.69 -2.31 12.61
CA GLN B 24 6.69 -3.23 12.03
C GLN B 24 7.22 -2.59 10.74
N GLN B 25 6.33 -2.09 9.90
CA GLN B 25 6.73 -1.40 8.65
C GLN B 25 7.69 -0.25 8.97
N SER B 26 7.31 0.65 9.87
CA SER B 26 8.17 1.79 10.28
C SER B 26 9.50 1.27 10.82
N TYR B 27 9.45 0.33 11.75
CA TYR B 27 10.66 -0.27 12.39
C TYR B 27 11.58 -0.84 11.31
N PHE B 28 11.05 -1.56 10.31
CA PHE B 28 11.84 -2.08 9.17
C PHE B 28 12.49 -0.90 8.46
N ALA B 29 11.74 0.16 8.18
CA ALA B 29 12.27 1.35 7.46
C ALA B 29 13.40 1.99 8.27
N LEU B 30 13.27 2.04 9.60
CA LEU B 30 14.36 2.55 10.46
C LEU B 30 15.62 1.71 10.25
N GLN B 31 15.49 0.38 10.30
CA GLN B 31 16.64 -0.55 10.14
C GLN B 31 17.37 -0.26 8.84
N VAL B 32 16.64 0.05 7.77
CA VAL B 32 17.28 0.32 6.45
C VAL B 32 18.04 1.63 6.58
N GLY B 33 17.42 2.67 7.13
CA GLY B 33 18.09 3.96 7.41
C GLY B 33 19.34 3.77 8.27
N LYS B 34 19.31 2.82 9.20
CA LYS B 34 20.48 2.46 10.02
C LYS B 34 21.56 1.82 9.14
N ALA B 35 21.20 0.98 8.19
CA ALA B 35 22.18 0.30 7.31
C ALA B 35 22.84 1.32 6.37
N ARG B 36 22.12 2.36 5.96
CA ARG B 36 22.70 3.44 5.11
C ARG B 36 23.85 4.11 5.85
N LEU B 37 23.82 4.09 7.18
CA LEU B 37 24.91 4.63 8.05
C LEU B 37 26.02 3.58 8.20
N LYS B 38 25.70 2.35 8.62
CA LYS B 38 26.72 1.28 8.82
C LYS B 38 27.52 1.08 7.50
N TYR B 39 26.83 0.86 6.37
CA TYR B 39 27.43 0.47 5.07
C TYR B 39 27.59 1.69 4.13
N LYS B 40 27.39 2.91 4.64
CA LYS B 40 27.75 4.19 3.97
C LYS B 40 27.17 4.28 2.56
N VAL B 41 25.88 3.97 2.43
CA VAL B 41 25.10 4.12 1.18
C VAL B 41 24.27 5.40 1.27
N THR B 42 24.77 6.50 0.71
CA THR B 42 24.08 7.82 0.78
C THR B 42 23.09 7.95 -0.37
N PRO B 43 21.85 8.42 -0.08
CA PRO B 43 20.83 8.68 -1.08
C PRO B 43 21.26 9.57 -2.24
N PRO B 44 20.73 9.35 -3.47
CA PRO B 44 19.70 8.32 -3.75
C PRO B 44 20.10 6.88 -4.10
N ALA B 45 21.26 6.42 -3.61
CA ALA B 45 21.81 5.08 -3.88
C ALA B 45 20.98 4.00 -3.19
N VAL B 46 20.86 2.86 -3.85
CA VAL B 46 20.18 1.65 -3.31
C VAL B 46 21.11 0.44 -3.35
N THR B 47 22.37 0.62 -3.74
CA THR B 47 23.37 -0.48 -3.87
C THR B 47 24.74 -0.01 -3.39
N GLY B 48 25.68 -0.95 -3.24
CA GLY B 48 27.04 -0.66 -2.79
C GLY B 48 27.48 -1.54 -1.65
N SER B 49 26.66 -2.46 -1.17
CA SER B 49 27.10 -3.48 -0.21
C SER B 49 26.15 -4.65 -0.32
N PRO B 50 26.66 -5.89 -0.42
CA PRO B 50 25.82 -7.07 -0.26
C PRO B 50 24.91 -7.01 0.97
N GLU B 51 25.45 -6.60 2.12
CA GLU B 51 24.71 -6.53 3.40
C GLU B 51 23.57 -5.53 3.26
N PHE B 52 23.85 -4.38 2.65
CA PHE B 52 22.85 -3.30 2.51
C PHE B 52 21.80 -3.71 1.48
N GLU B 53 22.23 -4.34 0.40
CA GLU B 53 21.28 -4.67 -0.68
C GLU B 53 20.24 -5.65 -0.14
N ARG B 54 20.64 -6.58 0.72
CA ARG B 54 19.71 -7.57 1.34
C ARG B 54 18.71 -6.84 2.26
N VAL B 55 19.18 -5.95 3.13
CA VAL B 55 18.31 -5.22 4.11
C VAL B 55 17.34 -4.32 3.35
N PHE B 56 17.80 -3.73 2.26
CA PHE B 56 16.98 -2.83 1.44
C PHE B 56 15.89 -3.65 0.77
N ARG B 57 16.25 -4.64 -0.05
CA ARG B 57 15.31 -5.51 -0.78
C ARG B 57 14.33 -6.19 0.19
N ALA B 58 14.75 -6.43 1.41
CA ALA B 58 13.94 -7.12 2.44
C ALA B 58 12.64 -6.37 2.70
N GLN B 59 12.73 -5.10 3.09
CA GLN B 59 11.56 -4.28 3.46
C GLN B 59 10.81 -3.85 2.21
N GLN B 60 11.57 -3.71 1.15
CA GLN B 60 10.98 -3.34 -0.14
C GLN B 60 9.94 -4.42 -0.39
N ASN B 61 10.32 -5.68 -0.15
CA ASN B 61 9.40 -6.82 -0.28
C ASN B 61 8.19 -6.66 0.66
N CYS B 62 8.40 -6.24 1.90
CA CYS B 62 7.30 -6.06 2.86
C CYS B 62 6.39 -4.89 2.43
N VAL B 63 6.98 -3.84 1.87
CA VAL B 63 6.22 -2.67 1.35
C VAL B 63 5.27 -3.11 0.22
N GLU B 64 5.76 -3.95 -0.67
CA GLU B 64 4.99 -4.31 -1.88
C GLU B 64 3.91 -5.32 -1.51
N PHE B 65 4.03 -6.01 -0.38
CA PHE B 65 2.97 -6.94 0.05
C PHE B 65 2.06 -6.31 1.08
N TYR B 66 2.45 -5.18 1.67
CA TYR B 66 1.75 -4.63 2.84
C TYR B 66 0.31 -4.26 2.47
N PRO B 67 0.07 -3.51 1.38
CA PRO B 67 -1.30 -3.19 1.02
C PRO B 67 -2.13 -4.46 0.80
N ILE B 68 -1.56 -5.47 0.15
CA ILE B 68 -2.27 -6.77 -0.13
C ILE B 68 -2.80 -7.30 1.20
N PHE B 69 -1.91 -7.34 2.18
CA PHE B 69 -2.18 -7.87 3.54
C PHE B 69 -3.26 -7.06 4.25
N ILE B 70 -3.18 -5.75 4.20
CA ILE B 70 -4.18 -4.87 4.88
C ILE B 70 -5.55 -5.12 4.26
N ILE B 71 -5.67 -5.13 2.93
CA ILE B 71 -6.98 -5.41 2.29
C ILE B 71 -7.49 -6.75 2.76
N THR B 72 -6.71 -7.81 2.60
CA THR B 72 -7.15 -9.19 2.89
C THR B 72 -7.48 -9.32 4.38
N LEU B 73 -6.74 -8.63 5.24
CA LEU B 73 -7.00 -8.63 6.71
C LEU B 73 -8.38 -8.08 7.00
N TRP B 74 -8.69 -6.89 6.51
CA TRP B 74 -10.00 -6.22 6.76
C TRP B 74 -11.13 -6.96 6.06
N MET B 75 -10.92 -7.47 4.84
CA MET B 75 -12.00 -8.16 4.11
C MET B 75 -12.33 -9.49 4.80
N ALA B 76 -11.32 -10.28 5.22
CA ALA B 76 -11.56 -11.50 6.04
C ALA B 76 -12.15 -11.08 7.37
N GLY B 77 -11.62 -10.01 7.95
CA GLY B 77 -12.03 -9.47 9.25
C GLY B 77 -13.49 -9.13 9.26
N TRP B 78 -13.95 -8.29 8.33
CA TRP B 78 -15.37 -7.88 8.24
C TRP B 78 -16.19 -9.10 7.80
N TYR B 79 -15.94 -9.65 6.63
CA TYR B 79 -16.92 -10.53 5.95
C TYR B 79 -16.88 -11.98 6.44
N PHE B 80 -15.94 -12.38 7.30
CA PHE B 80 -15.87 -13.80 7.75
C PHE B 80 -15.90 -13.92 9.28
N ASN B 81 -14.85 -13.42 9.93
CA ASN B 81 -14.75 -13.43 11.42
C ASN B 81 -13.58 -12.52 11.83
N GLN B 82 -13.84 -11.59 12.73
CA GLN B 82 -12.82 -10.62 13.17
C GLN B 82 -11.70 -11.36 13.92
N VAL B 83 -12.05 -12.31 14.77
CA VAL B 83 -11.10 -12.90 15.75
C VAL B 83 -10.09 -13.77 15.01
N PHE B 84 -10.53 -14.60 14.05
CA PHE B 84 -9.62 -15.53 13.33
C PHE B 84 -8.65 -14.71 12.51
N ALA B 85 -9.19 -13.70 11.81
CA ALA B 85 -8.43 -12.77 10.95
C ALA B 85 -7.37 -12.04 11.78
N THR B 86 -7.74 -11.58 12.96
CA THR B 86 -6.82 -10.91 13.91
C THR B 86 -5.64 -11.84 14.19
N CYS B 87 -5.92 -13.09 14.55
CA CYS B 87 -4.86 -14.06 14.93
C CYS B 87 -3.96 -14.35 13.75
N LEU B 88 -4.55 -14.71 12.62
CA LEU B 88 -3.78 -14.90 11.35
C LEU B 88 -2.95 -13.63 11.07
N GLY B 89 -3.54 -12.45 11.28
CA GLY B 89 -2.86 -11.13 11.24
C GLY B 89 -1.55 -11.16 12.02
N LEU B 90 -1.60 -11.56 13.29
CA LEU B 90 -0.42 -11.63 14.18
C LEU B 90 0.61 -12.60 13.60
N VAL B 91 0.15 -13.76 13.14
CA VAL B 91 1.01 -14.78 12.52
C VAL B 91 1.79 -14.11 11.38
N TYR B 92 1.10 -13.37 10.51
CA TYR B 92 1.72 -12.71 9.34
C TYR B 92 2.81 -11.78 9.87
N ILE B 93 2.48 -10.96 10.86
CA ILE B 93 3.45 -9.98 11.44
C ILE B 93 4.72 -10.74 11.79
N TYR B 94 4.58 -11.86 12.52
CA TYR B 94 5.71 -12.72 12.95
C TYR B 94 6.45 -13.26 11.72
N GLY B 95 5.72 -13.83 10.77
CA GLY B 95 6.32 -14.33 9.50
C GLY B 95 7.22 -13.29 8.85
N ARG B 96 6.79 -12.04 8.80
CA ARG B 96 7.57 -10.95 8.17
C ARG B 96 8.76 -10.55 9.02
N HIS B 97 8.73 -10.74 10.34
CA HIS B 97 9.93 -10.51 11.20
C HIS B 97 10.98 -11.55 10.85
N LEU B 98 10.55 -12.80 10.61
CA LEU B 98 11.44 -13.89 10.20
C LEU B 98 11.98 -13.62 8.80
N TYR B 99 11.12 -13.15 7.91
CA TYR B 99 11.53 -12.82 6.52
C TYR B 99 12.65 -11.79 6.56
N PHE B 100 12.35 -10.63 7.13
CA PHE B 100 13.23 -9.44 7.09
C PHE B 100 14.58 -9.81 7.69
N TRP B 101 14.59 -10.28 8.92
CA TRP B 101 15.84 -10.54 9.66
C TRP B 101 16.60 -11.72 9.03
N GLY B 102 15.88 -12.68 8.48
CA GLY B 102 16.49 -13.84 7.81
C GLY B 102 17.21 -13.37 6.58
N TYR B 103 16.48 -12.66 5.73
CA TYR B 103 17.00 -12.08 4.49
C TYR B 103 18.22 -11.22 4.80
N SER B 104 18.09 -10.32 5.79
CA SER B 104 19.17 -9.37 6.17
C SER B 104 20.49 -10.13 6.36
N GLU B 105 20.43 -11.30 7.01
CA GLU B 105 21.64 -12.12 7.31
C GLU B 105 22.15 -12.74 5.99
N ALA B 106 21.35 -13.59 5.36
CA ALA B 106 21.68 -14.27 4.08
C ALA B 106 20.41 -14.33 3.23
N ALA B 107 20.56 -14.16 1.92
CA ALA B 107 19.43 -14.23 0.97
C ALA B 107 18.69 -15.54 1.19
N LYS B 108 19.41 -16.66 1.20
CA LYS B 108 18.82 -18.02 1.26
C LYS B 108 17.98 -18.18 2.54
N LYS B 109 18.32 -17.51 3.63
CA LYS B 109 17.62 -17.71 4.93
C LYS B 109 16.34 -16.87 5.02
N ARG B 110 15.77 -16.39 3.91
CA ARG B 110 14.47 -15.65 3.96
C ARG B 110 13.25 -16.57 3.79
N ILE B 111 13.42 -17.73 3.15
CA ILE B 111 12.29 -18.56 2.63
C ILE B 111 11.29 -18.93 3.75
N THR B 112 11.74 -19.36 4.93
CA THR B 112 10.81 -19.77 6.01
C THR B 112 9.88 -18.59 6.30
N GLY B 113 10.47 -17.41 6.51
CA GLY B 113 9.72 -16.16 6.72
C GLY B 113 8.71 -15.93 5.62
N PHE B 114 9.13 -16.10 4.35
CA PHE B 114 8.33 -15.72 3.16
C PHE B 114 7.16 -16.68 2.97
N ARG B 115 7.43 -17.97 3.12
CA ARG B 115 6.44 -19.04 2.92
C ARG B 115 5.39 -18.95 4.03
N LEU B 116 5.73 -18.34 5.16
CA LEU B 116 4.72 -18.23 6.24
C LEU B 116 3.73 -17.15 5.83
N SER B 117 4.23 -15.93 5.72
CA SER B 117 3.46 -14.71 5.37
C SER B 117 2.59 -15.02 4.15
N LEU B 118 3.19 -15.71 3.18
CA LEU B 118 2.44 -16.09 1.97
C LEU B 118 1.31 -17.03 2.37
N GLY B 119 1.60 -18.01 3.23
CA GLY B 119 0.58 -18.96 3.66
C GLY B 119 -0.62 -18.21 4.22
N ILE B 120 -0.33 -17.47 5.27
CA ILE B 120 -1.34 -16.70 6.03
C ILE B 120 -2.11 -15.78 5.09
N LEU B 121 -1.40 -15.08 4.20
CA LEU B 121 -2.04 -14.15 3.23
C LEU B 121 -3.04 -14.93 2.38
N ALA B 122 -2.56 -16.00 1.75
CA ALA B 122 -3.36 -16.81 0.82
C ALA B 122 -4.57 -17.35 1.59
N LEU B 123 -4.38 -17.68 2.85
CA LEU B 123 -5.51 -18.10 3.73
C LEU B 123 -6.52 -16.95 3.96
N LEU B 124 -6.08 -15.79 4.48
CA LEU B 124 -6.92 -14.56 4.64
C LEU B 124 -7.70 -14.27 3.35
N THR B 125 -7.03 -14.37 2.21
CA THR B 125 -7.66 -14.15 0.88
C THR B 125 -8.88 -15.05 0.77
N LEU B 126 -8.68 -16.34 1.05
CA LEU B 126 -9.72 -17.39 0.89
C LEU B 126 -10.87 -17.12 1.86
N LEU B 127 -10.56 -16.88 3.13
CA LEU B 127 -11.59 -16.60 4.18
C LEU B 127 -12.36 -15.34 3.80
N GLY B 128 -11.65 -14.32 3.30
CA GLY B 128 -12.27 -13.07 2.81
C GLY B 128 -13.23 -13.37 1.67
N ALA B 129 -12.76 -14.10 0.66
CA ALA B 129 -13.53 -14.47 -0.55
C ALA B 129 -14.78 -15.26 -0.16
N LEU B 130 -14.66 -16.24 0.76
CA LEU B 130 -15.83 -17.03 1.22
C LEU B 130 -16.83 -16.06 1.84
N GLY B 131 -16.39 -15.36 2.88
CA GLY B 131 -17.21 -14.37 3.60
C GLY B 131 -17.92 -13.37 2.68
N ILE B 132 -17.26 -12.88 1.63
CA ILE B 132 -17.85 -11.87 0.69
C ILE B 132 -18.90 -12.60 -0.15
N ALA B 133 -18.51 -13.74 -0.71
CA ALA B 133 -19.42 -14.61 -1.51
C ALA B 133 -20.63 -14.94 -0.64
N ASN B 134 -20.37 -15.42 0.58
CA ASN B 134 -21.40 -15.84 1.56
C ASN B 134 -22.45 -14.75 1.73
N SER B 135 -22.01 -13.51 1.93
CA SER B 135 -22.87 -12.31 2.11
C SER B 135 -23.50 -11.87 0.77
N PHE B 136 -22.85 -12.12 -0.35
CA PHE B 136 -23.40 -11.79 -1.71
C PHE B 136 -24.67 -12.61 -1.98
N LEU B 137 -24.74 -13.84 -1.48
CA LEU B 137 -25.92 -14.72 -1.66
C LEU B 137 -27.01 -14.23 -0.72
N ASP B 138 -26.63 -13.87 0.50
CA ASP B 138 -27.59 -13.52 1.58
C ASP B 138 -28.06 -12.07 1.40
N GLU B 139 -27.63 -11.36 0.35
CA GLU B 139 -28.29 -10.10 -0.12
C GLU B 139 -29.06 -10.35 -1.43
N TYR B 140 -29.10 -11.60 -1.97
CA TYR B 140 -29.79 -11.89 -3.27
C TYR B 140 -30.50 -13.27 -3.29
N LEU B 141 -29.86 -14.38 -2.94
CA LEU B 141 -30.54 -15.67 -2.66
C LEU B 141 -29.82 -16.42 -1.53
N ASP B 142 -30.48 -16.66 -0.38
CA ASP B 142 -29.92 -17.05 0.97
C ASP B 142 -28.77 -18.08 0.98
N LEU B 143 -27.71 -17.92 1.80
CA LEU B 143 -26.45 -18.75 1.72
C LEU B 143 -26.00 -19.48 3.02
N ASN B 144 -26.79 -19.46 4.09
CA ASN B 144 -26.37 -19.83 5.48
C ASN B 144 -26.56 -21.32 5.78
N ILE B 145 -25.48 -22.08 5.90
CA ILE B 145 -25.55 -23.53 6.27
C ILE B 145 -25.45 -23.64 7.79
N ALA B 146 -26.57 -23.58 8.52
CA ALA B 146 -26.48 -23.57 10.01
C ALA B 146 -27.26 -24.74 10.61
N LYS B 147 -27.11 -25.92 10.03
CA LYS B 147 -27.98 -27.10 10.36
C LYS B 147 -27.68 -27.74 11.72
N LYS B 148 -26.40 -27.88 12.10
CA LYS B 148 -25.97 -28.61 13.34
C LYS B 148 -24.50 -28.32 13.66
N ASN C 10 -24.01 -1.02 2.70
CA ASN C 10 -23.59 -2.26 1.98
C ASN C 10 -22.36 -1.97 1.12
N SER C 11 -21.25 -2.66 1.40
CA SER C 11 -20.00 -2.50 0.61
C SER C 11 -19.57 -3.82 -0.03
N ILE C 12 -20.50 -4.73 -0.28
CA ILE C 12 -20.23 -6.13 -0.70
C ILE C 12 -19.51 -6.12 -2.06
N LEU C 13 -20.02 -5.34 -3.00
CA LEU C 13 -19.41 -5.22 -4.35
C LEU C 13 -18.00 -4.63 -4.24
N LEU C 14 -17.79 -3.59 -3.44
CA LEU C 14 -16.45 -2.97 -3.28
C LEU C 14 -15.49 -4.03 -2.76
N ALA C 15 -15.91 -4.78 -1.74
CA ALA C 15 -15.11 -5.85 -1.11
C ALA C 15 -14.74 -6.92 -2.15
N ALA C 16 -15.68 -7.25 -3.03
CA ALA C 16 -15.48 -8.25 -4.09
C ALA C 16 -14.34 -7.78 -5.01
N VAL C 17 -14.48 -6.58 -5.56
CA VAL C 17 -13.47 -5.97 -6.45
C VAL C 17 -12.11 -5.99 -5.76
N SER C 18 -12.07 -5.54 -4.50
CA SER C 18 -10.84 -5.38 -3.69
C SER C 18 -10.10 -6.72 -3.58
N ILE C 19 -10.82 -7.79 -3.28
CA ILE C 19 -10.17 -9.13 -3.15
C ILE C 19 -9.63 -9.53 -4.52
N LEU C 20 -10.39 -9.32 -5.59
CA LEU C 20 -9.85 -9.68 -6.93
C LEU C 20 -8.57 -8.88 -7.20
N SER C 21 -8.70 -7.56 -7.13
CA SER C 21 -7.56 -6.64 -7.36
C SER C 21 -6.32 -7.14 -6.60
N ALA C 22 -6.50 -7.57 -5.34
CA ALA C 22 -5.40 -8.06 -4.48
C ALA C 22 -4.89 -9.41 -4.97
N CYS C 23 -5.72 -10.20 -5.63
CA CYS C 23 -5.27 -11.47 -6.29
C CYS C 23 -4.42 -11.16 -7.53
N GLN C 24 -4.84 -10.19 -8.33
CA GLN C 24 -4.05 -9.73 -9.49
C GLN C 24 -2.68 -9.32 -8.97
N GLN C 25 -2.64 -8.52 -7.92
CA GLN C 25 -1.36 -8.09 -7.29
C GLN C 25 -0.51 -9.31 -6.94
N SER C 26 -1.08 -10.26 -6.21
CA SER C 26 -0.35 -11.50 -5.81
C SER C 26 0.16 -12.21 -7.07
N TYR C 27 -0.74 -12.47 -8.00
CA TYR C 27 -0.43 -13.16 -9.28
C TYR C 27 0.72 -12.46 -10.01
N PHE C 28 0.70 -11.13 -10.09
CA PHE C 28 1.81 -10.35 -10.71
C PHE C 28 3.10 -10.65 -9.96
N ALA C 29 3.07 -10.63 -8.62
CA ALA C 29 4.28 -10.89 -7.82
C ALA C 29 4.80 -12.31 -8.08
N LEU C 30 3.91 -13.28 -8.26
CA LEU C 30 4.32 -14.68 -8.60
C LEU C 30 5.10 -14.65 -9.90
N GLN C 31 4.55 -13.99 -10.92
CA GLN C 31 5.18 -13.93 -12.26
C GLN C 31 6.62 -13.41 -12.15
N VAL C 32 6.86 -12.44 -11.28
CA VAL C 32 8.22 -11.88 -11.09
C VAL C 32 9.08 -12.97 -10.46
N GLY C 33 8.61 -13.63 -9.42
CA GLY C 33 9.31 -14.77 -8.82
C GLY C 33 9.61 -15.88 -9.82
N LYS C 34 8.72 -16.08 -10.78
CA LYS C 34 8.92 -17.05 -11.87
C LYS C 34 10.06 -16.57 -12.78
N ALA C 35 10.13 -15.28 -13.06
CA ALA C 35 11.18 -14.71 -13.93
C ALA C 35 12.57 -14.81 -13.26
N ARG C 36 12.66 -14.72 -11.94
CA ARG C 36 13.93 -14.88 -11.21
C ARG C 36 14.51 -16.28 -11.48
N LEU C 37 13.64 -17.26 -11.76
CA LEU C 37 14.08 -18.63 -12.13
C LEU C 37 14.43 -18.72 -13.62
N LYS C 38 13.54 -18.28 -14.50
CA LYS C 38 13.78 -18.35 -15.97
C LYS C 38 15.08 -17.62 -16.31
N TYR C 39 15.23 -16.36 -15.87
CA TYR C 39 16.35 -15.44 -16.23
C TYR C 39 17.45 -15.44 -15.15
N LYS C 40 17.39 -16.34 -14.17
CA LYS C 40 18.47 -16.62 -13.17
C LYS C 40 18.97 -15.35 -12.51
N VAL C 41 18.04 -14.52 -12.02
CA VAL C 41 18.33 -13.29 -11.24
C VAL C 41 18.11 -13.64 -9.78
N THR C 42 19.20 -13.98 -9.07
CA THR C 42 19.09 -14.44 -7.66
C THR C 42 19.19 -13.23 -6.73
N PRO C 43 18.29 -13.14 -5.73
CA PRO C 43 18.27 -12.03 -4.78
C PRO C 43 19.59 -11.84 -4.03
N PRO C 44 19.98 -10.59 -3.64
CA PRO C 44 19.16 -9.39 -3.83
C PRO C 44 19.26 -8.56 -5.14
N ALA C 45 19.48 -9.22 -6.27
CA ALA C 45 19.53 -8.59 -7.59
C ALA C 45 18.13 -8.15 -8.04
N VAL C 46 18.05 -7.01 -8.72
CA VAL C 46 16.81 -6.53 -9.39
C VAL C 46 17.06 -6.26 -10.89
N THR C 47 18.27 -6.55 -11.38
CA THR C 47 18.65 -6.32 -12.80
C THR C 47 19.52 -7.49 -13.29
N GLY C 48 19.76 -7.54 -14.60
CA GLY C 48 20.55 -8.62 -15.23
C GLY C 48 19.83 -9.32 -16.37
N SER C 49 18.64 -8.89 -16.73
CA SER C 49 18.03 -9.32 -17.99
C SER C 49 17.05 -8.25 -18.41
N PRO C 50 17.09 -7.79 -19.66
CA PRO C 50 16.00 -6.99 -20.19
C PRO C 50 14.61 -7.57 -19.91
N GLU C 51 14.43 -8.89 -20.13
CA GLU C 51 13.12 -9.58 -19.96
C GLU C 51 12.70 -9.48 -18.48
N PHE C 52 13.65 -9.70 -17.58
CA PHE C 52 13.34 -9.65 -16.13
C PHE C 52 13.07 -8.21 -15.68
N GLU C 53 13.86 -7.26 -16.17
CA GLU C 53 13.73 -5.87 -15.69
C GLU C 53 12.34 -5.36 -16.05
N ARG C 54 11.81 -5.74 -17.21
CA ARG C 54 10.46 -5.34 -17.67
C ARG C 54 9.39 -5.93 -16.73
N VAL C 55 9.45 -7.23 -16.45
CA VAL C 55 8.42 -7.91 -15.59
C VAL C 55 8.48 -7.34 -14.18
N PHE C 56 9.67 -7.03 -13.69
CA PHE C 56 9.89 -6.48 -12.33
C PHE C 56 9.29 -5.07 -12.27
N ARG C 57 9.76 -4.15 -13.11
CA ARG C 57 9.27 -2.75 -13.13
C ARG C 57 7.77 -2.71 -13.35
N ALA C 58 7.22 -3.69 -14.07
CA ALA C 58 5.78 -3.75 -14.37
C ALA C 58 4.96 -3.79 -13.08
N GLN C 59 5.23 -4.78 -12.23
CA GLN C 59 4.46 -4.98 -10.97
C GLN C 59 4.78 -3.83 -10.03
N GLN C 60 6.04 -3.44 -10.00
CA GLN C 60 6.43 -2.34 -9.13
C GLN C 60 5.47 -1.21 -9.43
N ASN C 61 5.22 -0.92 -10.70
CA ASN C 61 4.31 0.17 -11.07
C ASN C 61 2.88 -0.07 -10.53
N CYS C 62 2.40 -1.29 -10.57
CA CYS C 62 1.05 -1.61 -10.03
C CYS C 62 1.04 -1.49 -8.50
N VAL C 63 2.13 -1.85 -7.84
CA VAL C 63 2.27 -1.74 -6.36
C VAL C 63 2.17 -0.28 -5.94
N GLU C 64 2.81 0.60 -6.70
CA GLU C 64 2.92 2.02 -6.30
C GLU C 64 1.62 2.74 -6.61
N PHE C 65 0.78 2.19 -7.46
CA PHE C 65 -0.55 2.79 -7.74
C PHE C 65 -1.66 2.09 -6.95
N TYR C 66 -1.40 0.92 -6.39
CA TYR C 66 -2.46 0.06 -5.81
C TYR C 66 -3.14 0.76 -4.64
N PRO C 67 -2.41 1.31 -3.65
CA PRO C 67 -3.08 2.02 -2.57
C PRO C 67 -3.91 3.17 -3.11
N ILE C 68 -3.41 3.93 -4.09
CA ILE C 68 -4.14 5.09 -4.69
C ILE C 68 -5.51 4.59 -5.16
N PHE C 69 -5.49 3.49 -5.90
CA PHE C 69 -6.68 2.86 -6.51
C PHE C 69 -7.67 2.42 -5.43
N ILE C 70 -7.18 1.74 -4.40
CA ILE C 70 -8.07 1.23 -3.32
C ILE C 70 -8.74 2.40 -2.61
N ILE C 71 -8.01 3.45 -2.25
CA ILE C 71 -8.62 4.63 -1.57
C ILE C 71 -9.70 5.18 -2.50
N THR C 72 -9.35 5.50 -3.75
CA THR C 72 -10.27 6.18 -4.68
C THR C 72 -11.47 5.28 -4.97
N LEU C 73 -11.25 3.97 -5.04
CA LEU C 73 -12.33 2.97 -5.27
C LEU C 73 -13.35 3.07 -4.14
N TRP C 74 -12.90 2.98 -2.89
CA TRP C 74 -13.82 2.99 -1.72
C TRP C 74 -14.43 4.38 -1.53
N MET C 75 -13.68 5.45 -1.77
CA MET C 75 -14.23 6.81 -1.59
C MET C 75 -15.31 7.08 -2.65
N ALA C 76 -15.09 6.75 -3.92
CA ALA C 76 -16.13 6.84 -4.96
C ALA C 76 -17.26 5.85 -4.62
N GLY C 77 -16.88 4.65 -4.18
CA GLY C 77 -17.82 3.58 -3.82
C GLY C 77 -18.79 4.02 -2.76
N TRP C 78 -18.28 4.51 -1.62
CA TRP C 78 -19.11 4.98 -0.47
C TRP C 78 -19.80 6.26 -0.90
N TYR C 79 -19.07 7.31 -1.23
CA TYR C 79 -19.63 8.69 -1.25
C TYR C 79 -20.39 8.99 -2.56
N PHE C 80 -20.38 8.14 -3.59
CA PHE C 80 -21.06 8.49 -4.87
C PHE C 80 -22.04 7.40 -5.29
N ASN C 81 -21.54 6.21 -5.59
CA ASN C 81 -22.38 5.05 -6.00
C ASN C 81 -21.51 3.79 -6.00
N GLN C 82 -21.96 2.76 -5.32
CA GLN C 82 -21.19 1.50 -5.22
C GLN C 82 -21.06 0.85 -6.59
N VAL C 83 -22.14 0.83 -7.36
CA VAL C 83 -22.23 -0.02 -8.58
C VAL C 83 -21.33 0.55 -9.69
N PHE C 84 -21.33 1.87 -9.89
CA PHE C 84 -20.51 2.55 -10.92
C PHE C 84 -19.02 2.30 -10.62
N ALA C 85 -18.66 2.53 -9.35
CA ALA C 85 -17.29 2.39 -8.81
C ALA C 85 -16.82 0.95 -8.98
N THR C 86 -17.70 -0.01 -8.71
CA THR C 86 -17.44 -1.45 -8.89
C THR C 86 -17.04 -1.69 -10.34
N CYS C 87 -17.84 -1.19 -11.29
CA CYS C 87 -17.59 -1.41 -12.73
C CYS C 87 -16.29 -0.79 -13.13
N LEU C 88 -16.10 0.50 -12.83
CA LEU C 88 -14.81 1.18 -13.06
C LEU C 88 -13.66 0.37 -12.44
N GLY C 89 -13.89 -0.14 -11.22
CA GLY C 89 -12.97 -1.07 -10.54
C GLY C 89 -12.54 -2.21 -11.44
N LEU C 90 -13.51 -2.90 -12.04
CA LEU C 90 -13.25 -4.07 -12.96
C LEU C 90 -12.41 -3.58 -14.13
N VAL C 91 -12.81 -2.44 -14.70
CA VAL C 91 -12.11 -1.83 -15.86
C VAL C 91 -10.64 -1.68 -15.47
N TYR C 92 -10.37 -1.10 -14.30
CA TYR C 92 -8.99 -0.86 -13.82
C TYR C 92 -8.26 -2.20 -13.78
N ILE C 93 -8.86 -3.20 -13.18
CA ILE C 93 -8.25 -4.57 -13.07
C ILE C 93 -7.79 -4.99 -14.45
N TYR C 94 -8.68 -4.90 -15.43
CA TYR C 94 -8.40 -5.29 -16.83
C TYR C 94 -7.27 -4.43 -17.41
N GLY C 95 -7.37 -3.11 -17.25
CA GLY C 95 -6.32 -2.15 -17.66
C GLY C 95 -4.94 -2.58 -17.18
N ARG C 96 -4.83 -2.99 -15.93
CA ARG C 96 -3.54 -3.42 -15.33
C ARG C 96 -3.10 -4.78 -15.87
N HIS C 97 -4.01 -5.65 -16.30
CA HIS C 97 -3.65 -6.93 -16.96
C HIS C 97 -2.98 -6.61 -18.30
N LEU C 98 -3.52 -5.61 -19.00
CA LEU C 98 -2.96 -5.14 -20.29
C LEU C 98 -1.61 -4.47 -20.03
N TYR C 99 -1.52 -3.65 -18.97
CA TYR C 99 -0.25 -2.96 -18.61
C TYR C 99 0.84 -4.00 -18.42
N PHE C 100 0.62 -4.88 -17.45
CA PHE C 100 1.64 -5.82 -16.95
C PHE C 100 2.12 -6.70 -18.10
N TRP C 101 1.20 -7.38 -18.76
CA TRP C 101 1.56 -8.37 -19.82
C TRP C 101 2.11 -7.66 -21.04
N GLY C 102 1.65 -6.44 -21.30
CA GLY C 102 2.17 -5.65 -22.43
C GLY C 102 3.60 -5.31 -22.16
N TYR C 103 3.83 -4.68 -21.03
CA TYR C 103 5.18 -4.29 -20.57
C TYR C 103 6.11 -5.50 -20.58
N SER C 104 5.65 -6.64 -20.05
CA SER C 104 6.48 -7.88 -19.93
C SER C 104 7.06 -8.21 -21.29
N GLU C 105 6.27 -8.07 -22.35
CA GLU C 105 6.70 -8.40 -23.73
C GLU C 105 7.69 -7.33 -24.22
N ALA C 106 7.24 -6.09 -24.32
CA ALA C 106 8.07 -4.95 -24.76
C ALA C 106 7.66 -3.73 -23.94
N ALA C 107 8.62 -2.90 -23.55
CA ALA C 107 8.36 -1.70 -22.75
C ALA C 107 7.31 -0.86 -23.47
N LYS C 108 7.52 -0.60 -24.76
CA LYS C 108 6.66 0.28 -25.60
C LYS C 108 5.20 -0.21 -25.56
N LYS C 109 4.93 -1.51 -25.45
CA LYS C 109 3.53 -1.99 -25.57
C LYS C 109 2.85 -2.01 -24.20
N ARG C 110 3.27 -1.16 -23.27
CA ARG C 110 2.55 -0.98 -21.96
C ARG C 110 1.50 0.14 -22.05
N ILE C 111 1.64 1.10 -22.97
CA ILE C 111 0.94 2.41 -22.90
C ILE C 111 -0.59 2.24 -22.88
N THR C 112 -1.17 1.37 -23.72
CA THR C 112 -2.65 1.22 -23.75
C THR C 112 -3.09 0.78 -22.35
N GLY C 113 -2.44 -0.23 -21.78
CA GLY C 113 -2.70 -0.65 -20.39
C GLY C 113 -2.64 0.51 -19.40
N PHE C 114 -1.62 1.34 -19.51
CA PHE C 114 -1.33 2.44 -18.54
C PHE C 114 -2.34 3.58 -18.67
N ARG C 115 -2.64 4.00 -19.90
CA ARG C 115 -3.58 5.11 -20.20
C ARG C 115 -4.98 4.84 -19.64
N LEU C 116 -5.43 3.59 -19.69
CA LEU C 116 -6.81 3.21 -19.31
C LEU C 116 -6.92 3.09 -17.79
N SER C 117 -5.91 2.50 -17.18
CA SER C 117 -5.77 2.36 -15.72
C SER C 117 -5.77 3.76 -15.12
N LEU C 118 -4.90 4.60 -15.65
CA LEU C 118 -4.81 6.01 -15.23
C LEU C 118 -6.12 6.74 -15.51
N GLY C 119 -6.78 6.44 -16.63
CA GLY C 119 -8.08 7.07 -16.93
C GLY C 119 -9.08 6.78 -15.82
N ILE C 120 -9.35 5.49 -15.61
CA ILE C 120 -10.32 4.99 -14.60
C ILE C 120 -9.97 5.57 -13.23
N LEU C 121 -8.67 5.56 -12.85
CA LEU C 121 -8.23 6.15 -11.56
C LEU C 121 -8.69 7.60 -11.47
N ALA C 122 -8.28 8.39 -12.46
CA ALA C 122 -8.52 9.84 -12.48
C ALA C 122 -10.03 10.06 -12.43
N LEU C 123 -10.78 9.20 -13.09
CA LEU C 123 -12.27 9.23 -13.03
C LEU C 123 -12.80 8.92 -11.60
N LEU C 124 -12.45 7.77 -11.00
CA LEU C 124 -12.81 7.42 -9.60
C LEU C 124 -12.46 8.57 -8.65
N THR C 125 -11.29 9.19 -8.83
CA THR C 125 -10.86 10.34 -8.00
C THR C 125 -11.95 11.41 -8.03
N LEU C 126 -12.39 11.74 -9.24
CA LEU C 126 -13.34 12.84 -9.46
C LEU C 126 -14.71 12.46 -8.92
N LEU C 127 -15.18 11.25 -9.20
CA LEU C 127 -16.46 10.73 -8.65
C LEU C 127 -16.42 10.71 -7.12
N GLY C 128 -15.29 10.31 -6.55
CA GLY C 128 -15.07 10.36 -5.08
C GLY C 128 -15.18 11.80 -4.57
N ALA C 129 -14.45 12.73 -5.19
CA ALA C 129 -14.42 14.16 -4.84
C ALA C 129 -15.83 14.77 -4.93
N LEU C 130 -16.58 14.43 -5.97
CA LEU C 130 -17.99 14.90 -6.11
C LEU C 130 -18.77 14.39 -4.92
N GLY C 131 -18.88 13.07 -4.82
CA GLY C 131 -19.60 12.38 -3.75
C GLY C 131 -19.29 12.93 -2.35
N ILE C 132 -18.03 13.31 -2.07
CA ILE C 132 -17.63 13.89 -0.76
C ILE C 132 -18.19 15.30 -0.66
N ALA C 133 -17.97 16.09 -1.70
CA ALA C 133 -18.50 17.47 -1.79
C ALA C 133 -20.03 17.41 -1.64
N ASN C 134 -20.66 16.51 -2.41
CA ASN C 134 -22.13 16.29 -2.44
C ASN C 134 -22.66 16.13 -1.01
N SER C 135 -22.00 15.27 -0.22
CA SER C 135 -22.39 14.96 1.18
C SER C 135 -21.99 16.09 2.13
N PHE C 136 -20.93 16.85 1.80
CA PHE C 136 -20.48 18.01 2.62
C PHE C 136 -21.58 19.08 2.66
N LEU C 137 -22.37 19.21 1.59
CA LEU C 137 -23.48 20.19 1.54
C LEU C 137 -24.64 19.75 2.46
N ASP C 138 -24.95 18.45 2.51
CA ASP C 138 -25.98 18.00 3.49
C ASP C 138 -25.42 17.79 4.91
N GLU C 139 -24.13 17.45 5.06
CA GLU C 139 -23.49 17.04 6.36
C GLU C 139 -24.20 15.82 6.95
N1 GTS D . 13.13 2.88 3.33
CA1 GTS D . 14.21 3.86 3.01
C1 GTS D . 15.00 3.38 1.79
O11 GTS D . 16.20 3.78 1.69
O12 GTS D . 14.37 2.63 0.98
CB1 GTS D . 15.05 4.06 4.26
CG1 GTS D . 14.23 4.66 5.36
CD1 GTS D . 13.85 6.04 4.90
OE1 GTS D . 12.74 6.32 4.49
N2 GTS D . 14.84 6.92 4.92
CA2 GTS D . 14.75 8.27 4.40
C2 GTS D . 15.14 8.38 2.92
O2 GTS D . 15.08 9.46 2.32
CB2 GTS D . 15.64 9.14 5.29
SG2 GTS D . 17.32 8.58 5.51
O1S GTS D . 17.34 7.29 6.14
O2S GTS D . 17.81 9.83 6.31
O3S GTS D . 17.91 8.53 4.20
N3 GTS D . 15.56 7.22 2.38
CA3 GTS D . 16.27 7.15 1.14
C3 GTS D . 15.35 6.89 -0.04
O31 GTS D . 15.73 7.32 -1.14
O32 GTS D . 14.28 6.29 0.18
N1 GTS E . 8.07 -9.12 -5.99
CA1 GTS E . 9.34 -9.90 -5.87
C1 GTS E . 10.56 -9.12 -6.41
O11 GTS E . 10.57 -7.88 -6.24
O12 GTS E . 11.49 -9.79 -6.90
CB1 GTS E . 9.16 -11.26 -6.58
CG1 GTS E . 8.23 -12.17 -5.79
CD1 GTS E . 8.78 -12.32 -4.39
OE1 GTS E . 8.21 -11.86 -3.41
N2 GTS E . 9.95 -12.96 -4.30
CA2 GTS E . 10.57 -13.16 -3.03
C2 GTS E . 11.87 -12.38 -2.80
O2 GTS E . 12.76 -12.87 -2.14
CB2 GTS E . 10.75 -14.66 -2.81
SG2 GTS E . 11.38 -15.53 -4.21
O1S GTS E . 10.99 -16.90 -4.03
O2S GTS E . 12.88 -15.36 -3.96
O3S GTS E . 11.03 -14.78 -5.38
N3 GTS E . 11.94 -11.15 -3.30
CA3 GTS E . 12.75 -10.13 -2.66
C3 GTS E . 13.29 -9.02 -3.58
O31 GTS E . 12.47 -8.44 -4.31
O32 GTS E . 14.53 -8.71 -3.51
N1 GTS F . 6.71 6.54 -10.72
CA1 GTS F . 6.84 5.92 -12.07
C1 GTS F . 8.13 5.09 -12.18
O11 GTS F . 8.32 4.19 -11.30
O12 GTS F . 8.90 5.31 -13.16
CB1 GTS F . 6.74 7.01 -13.13
CG1 GTS F . 5.31 7.48 -13.35
CD1 GTS F . 4.59 6.35 -14.02
OE1 GTS F . 3.75 5.66 -13.44
N2 GTS F . 4.98 6.12 -15.27
CA2 GTS F . 4.41 5.17 -16.20
C2 GTS F . 5.35 4.00 -16.49
O2 GTS F . 5.36 3.47 -17.60
CB2 GTS F . 4.04 5.91 -17.49
SG2 GTS F . 5.41 6.75 -18.24
O1S GTS F . 4.96 8.04 -18.68
O2S GTS F . 6.43 6.85 -17.25
O3S GTS F . 5.75 5.68 -19.32
N3 GTS F . 6.16 3.68 -15.49
CA3 GTS F . 7.54 3.32 -15.73
C3 GTS F . 7.94 2.15 -14.87
O31 GTS F . 8.17 1.08 -15.41
O32 GTS F . 7.97 2.36 -13.66
#